data_1JEC
#
_entry.id   1JEC
#
_cell.length_a   186.688
_cell.length_b   186.688
_cell.length_c   115.900
_cell.angle_alpha   90.00
_cell.angle_beta   90.00
_cell.angle_gamma   120.00
#
_symmetry.space_group_name_H-M   'H 3 2'
#
loop_
_entity.id
_entity.type
_entity.pdbx_description
1 polymer 'SULFATE ADENYLYLTRANSFERASE'
2 non-polymer 'CADMIUM ION'
3 non-polymer 'CALCIUM ION'
4 non-polymer 'MAGNESIUM ION'
5 non-polymer 'SODIUM ION'
6 non-polymer 'SULFATE ION'
7 non-polymer THIOSULFATE
8 non-polymer 'ACETIC ACID'
9 water water
#
_entity_poly.entity_id   1
_entity_poly.type   'polypeptide(L)'
_entity_poly.pdbx_seq_one_letter_code
;PAPHGGILQDLIARDALKKNELLSEAQSSDILVWNLTPRQLCDIELILNGGFSPLTGFLNENDYSSVVTDSRLADGTLWT
IPITLDVDEAFANQIKPDTRIALFQDDEIPIAILTVQDVYKPNKTIEAEKVFRGDPEHPAISYLFNVAGDYYVGGSLEAI
QLPQHYDYPGLRKTPAQLRLEFQSRQWDRVVAFQTRNPMHRAHRELTVRAAREANAKVLIHPVVGLTKPGDIDHHTRVRV
YQEIIKRYPNGIAFLSLLPLAMRMSGDREAVWHAIIRKNYGASHFIVGRDHAGPGKNSKGVDFYGPYDAQELVESYKHEL
DIEVVPFRMVTYLPDEDRYAPIDQIDTTKTRTLNISGTELRRRLRVGGEIPEWFSYPEVVKILRESNPPRPKQGFSIVLG
NSLTVSREQLSIALLSTFLQFGGGRYYKIFEHNNKTELLSLIQDFIGSGSGLIIPNQWEDDKDSVVGKQNVYLLDTSSSA
DIQLESADEPISHIVQKVVLFLEDNGFFVF
;
_entity_poly.pdbx_strand_id   A
#
# COMPACT_ATOMS: atom_id res chain seq x y z
N PRO A 1 -4.56 -25.19 -9.44
CA PRO A 1 -3.48 -26.21 -9.33
C PRO A 1 -3.10 -26.44 -7.88
N ALA A 2 -2.24 -27.43 -7.66
CA ALA A 2 -1.79 -27.77 -6.32
C ALA A 2 -0.92 -26.65 -5.79
N PRO A 3 -0.92 -26.46 -4.46
CA PRO A 3 -0.14 -25.45 -3.75
C PRO A 3 1.33 -25.62 -4.04
N HIS A 4 2.07 -24.52 -3.98
CA HIS A 4 3.49 -24.54 -4.26
C HIS A 4 4.15 -25.45 -3.24
N GLY A 5 4.78 -26.51 -3.72
CA GLY A 5 5.41 -27.45 -2.82
C GLY A 5 4.50 -28.66 -2.64
N GLY A 6 3.30 -28.58 -3.20
CA GLY A 6 2.37 -29.69 -3.14
C GLY A 6 1.39 -29.75 -2.00
N ILE A 7 1.65 -29.01 -0.93
CA ILE A 7 0.74 -29.05 0.22
C ILE A 7 0.35 -27.66 0.71
N LEU A 8 -0.93 -27.45 0.94
CA LEU A 8 -1.36 -26.16 1.45
C LEU A 8 -1.00 -26.14 2.94
N GLN A 9 -0.02 -25.33 3.30
CA GLN A 9 0.39 -25.23 4.68
C GLN A 9 -0.52 -24.32 5.49
N ASP A 10 -1.79 -24.69 5.58
CA ASP A 10 -2.75 -23.93 6.37
C ASP A 10 -2.49 -24.35 7.86
N LEU A 11 -1.66 -23.57 8.55
CA LEU A 11 -1.28 -23.86 9.93
C LEU A 11 -2.42 -23.64 10.91
N ILE A 12 -3.38 -22.80 10.52
CA ILE A 12 -4.55 -22.55 11.35
C ILE A 12 -5.30 -23.89 11.47
N ALA A 13 -5.48 -24.58 10.34
CA ALA A 13 -6.17 -25.85 10.34
C ALA A 13 -5.28 -26.91 10.95
N ARG A 14 -4.00 -26.89 10.63
CA ARG A 14 -3.10 -27.90 11.17
C ARG A 14 -3.10 -27.91 12.68
N ASP A 15 -3.03 -26.73 13.29
CA ASP A 15 -2.97 -26.59 14.73
C ASP A 15 -4.32 -26.33 15.45
N ALA A 16 -5.43 -26.56 14.76
CA ALA A 16 -6.75 -26.35 15.36
C ALA A 16 -6.91 -26.96 16.77
N LEU A 17 -6.41 -28.18 16.98
CA LEU A 17 -6.55 -28.84 18.28
C LEU A 17 -5.51 -28.49 19.35
N LYS A 18 -4.65 -27.52 19.04
CA LYS A 18 -3.63 -27.04 19.97
C LYS A 18 -3.88 -25.57 20.25
N LYS A 19 -5.00 -25.04 19.73
CA LYS A 19 -5.27 -23.63 19.93
C LYS A 19 -5.32 -23.20 21.40
N ASN A 20 -6.03 -23.96 22.24
CA ASN A 20 -6.11 -23.59 23.66
C ASN A 20 -4.76 -23.71 24.35
N GLU A 21 -4.04 -24.79 24.01
CA GLU A 21 -2.74 -25.09 24.59
C GLU A 21 -1.73 -24.01 24.21
N LEU A 22 -1.70 -23.67 22.92
CA LEU A 22 -0.80 -22.66 22.40
C LEU A 22 -1.18 -21.31 22.95
N LEU A 23 -2.47 -21.05 23.05
CA LEU A 23 -2.96 -19.77 23.56
C LEU A 23 -2.52 -19.62 25.02
N SER A 24 -2.61 -20.71 25.76
CA SER A 24 -2.21 -20.68 27.15
C SER A 24 -0.69 -20.45 27.30
N GLU A 25 0.10 -21.06 26.41
CA GLU A 25 1.56 -20.90 26.46
C GLU A 25 1.95 -19.47 26.13
N ALA A 26 1.27 -18.89 25.15
CA ALA A 26 1.54 -17.53 24.73
C ALA A 26 1.26 -16.56 25.86
N GLN A 27 0.34 -16.95 26.73
CA GLN A 27 -0.03 -16.10 27.84
C GLN A 27 0.70 -16.43 29.14
N SER A 28 1.65 -17.35 29.07
CA SER A 28 2.41 -17.73 30.24
C SER A 28 3.24 -16.53 30.69
N SER A 29 3.65 -16.54 31.96
CA SER A 29 4.44 -15.45 32.53
C SER A 29 5.89 -15.49 32.10
N ASP A 30 6.44 -16.69 31.97
CA ASP A 30 7.83 -16.84 31.61
C ASP A 30 8.19 -16.74 30.14
N ILE A 31 7.22 -16.83 29.25
CA ILE A 31 7.52 -16.78 27.82
C ILE A 31 7.89 -15.40 27.31
N LEU A 32 8.90 -15.38 26.46
CA LEU A 32 9.40 -14.15 25.85
C LEU A 32 8.48 -13.70 24.72
N VAL A 33 8.01 -12.47 24.79
CA VAL A 33 7.10 -11.94 23.78
C VAL A 33 7.67 -10.96 22.77
N TRP A 34 7.19 -11.05 21.54
CA TRP A 34 7.62 -10.11 20.51
C TRP A 34 6.39 -9.48 19.88
N ASN A 35 6.37 -8.16 19.78
CA ASN A 35 5.21 -7.51 19.19
C ASN A 35 5.49 -7.37 17.71
N LEU A 36 4.63 -7.97 16.89
CA LEU A 36 4.80 -7.95 15.44
C LEU A 36 4.61 -6.56 14.86
N THR A 37 5.52 -6.18 13.95
CA THR A 37 5.46 -4.89 13.27
C THR A 37 4.35 -5.01 12.21
N PRO A 38 3.83 -3.86 11.71
CA PRO A 38 2.77 -3.97 10.69
C PRO A 38 3.11 -4.81 9.49
N ARG A 39 4.35 -4.80 9.02
CA ARG A 39 4.70 -5.65 7.87
C ARG A 39 4.74 -7.13 8.25
N GLN A 40 5.21 -7.42 9.46
CA GLN A 40 5.29 -8.80 9.91
C GLN A 40 3.88 -9.39 10.09
N LEU A 41 2.89 -8.55 10.33
CA LEU A 41 1.54 -9.06 10.48
C LEU A 41 1.08 -9.49 9.10
N CYS A 42 1.45 -8.69 8.10
CA CYS A 42 1.10 -9.02 6.72
C CYS A 42 1.71 -10.36 6.33
N ASP A 43 3.00 -10.52 6.62
CA ASP A 43 3.71 -11.76 6.30
C ASP A 43 3.23 -13.01 7.07
N ILE A 44 3.01 -12.88 8.39
CA ILE A 44 2.60 -14.02 9.20
C ILE A 44 1.20 -14.50 8.83
N GLU A 45 0.35 -13.58 8.36
CA GLU A 45 -0.99 -14.00 7.99
C GLU A 45 -0.92 -14.90 6.75
N LEU A 46 0.00 -14.57 5.84
CA LEU A 46 0.18 -15.34 4.62
C LEU A 46 0.93 -16.65 4.92
N ILE A 47 1.74 -16.69 5.97
CA ILE A 47 2.43 -17.93 6.29
C ILE A 47 1.43 -18.86 6.96
N LEU A 48 0.73 -18.34 7.96
CA LEU A 48 -0.26 -19.09 8.73
C LEU A 48 -1.46 -19.61 7.93
N ASN A 49 -1.90 -18.87 6.93
CA ASN A 49 -3.05 -19.31 6.17
C ASN A 49 -2.67 -20.10 4.90
N GLY A 50 -1.38 -20.41 4.77
CA GLY A 50 -0.89 -21.17 3.62
C GLY A 50 -0.64 -20.36 2.37
N GLY A 51 -0.87 -19.05 2.46
CA GLY A 51 -0.66 -18.18 1.32
C GLY A 51 0.76 -18.26 0.80
N PHE A 52 1.69 -18.58 1.71
CA PHE A 52 3.10 -18.69 1.35
C PHE A 52 3.61 -20.12 1.27
N SER A 53 2.74 -21.10 1.06
CA SER A 53 3.19 -22.49 0.93
C SER A 53 4.39 -22.49 -0.03
N PRO A 54 5.44 -23.29 0.26
CA PRO A 54 5.62 -24.21 1.39
C PRO A 54 6.14 -23.61 2.69
N LEU A 55 6.29 -22.29 2.78
CA LEU A 55 6.77 -21.74 4.03
C LEU A 55 5.86 -22.15 5.19
N THR A 56 6.48 -22.41 6.35
CA THR A 56 5.79 -22.77 7.58
C THR A 56 6.41 -21.99 8.75
N GLY A 57 7.10 -20.92 8.41
CA GLY A 57 7.74 -20.11 9.44
C GLY A 57 8.57 -19.03 8.79
N PHE A 58 9.33 -18.26 9.56
CA PHE A 58 10.17 -17.23 8.98
C PHE A 58 11.48 -17.90 8.57
N LEU A 59 12.06 -17.48 7.45
CA LEU A 59 13.27 -18.14 6.96
C LEU A 59 14.50 -18.07 7.84
N ASN A 60 15.15 -19.21 8.02
CA ASN A 60 16.39 -19.28 8.79
C ASN A 60 17.47 -18.81 7.81
N GLU A 61 18.72 -18.73 8.25
CA GLU A 61 19.76 -18.25 7.36
C GLU A 61 20.04 -19.16 6.16
N ASN A 62 19.95 -20.47 6.36
CA ASN A 62 20.19 -21.40 5.28
C ASN A 62 19.27 -21.13 4.10
N ASP A 63 17.96 -21.05 4.36
CA ASP A 63 16.97 -20.79 3.32
C ASP A 63 17.07 -19.38 2.78
N TYR A 64 17.20 -18.42 3.71
CA TYR A 64 17.27 -17.00 3.38
C TYR A 64 18.39 -16.70 2.41
N SER A 65 19.56 -17.29 2.68
CA SER A 65 20.69 -17.10 1.81
C SER A 65 20.44 -17.62 0.41
N SER A 66 19.80 -18.78 0.29
CA SER A 66 19.50 -19.34 -1.03
C SER A 66 18.50 -18.46 -1.75
N VAL A 67 17.57 -17.88 -1.00
CA VAL A 67 16.58 -17.04 -1.62
C VAL A 67 17.29 -15.79 -2.12
N VAL A 68 18.22 -15.28 -1.33
CA VAL A 68 18.93 -14.06 -1.73
C VAL A 68 19.74 -14.20 -3.01
N THR A 69 20.51 -15.28 -3.12
CA THR A 69 21.33 -15.47 -4.30
C THR A 69 20.77 -16.40 -5.36
N ASP A 70 20.10 -17.46 -4.95
CA ASP A 70 19.58 -18.43 -5.90
C ASP A 70 18.11 -18.28 -6.24
N SER A 71 17.41 -17.41 -5.52
CA SER A 71 15.98 -17.23 -5.76
C SER A 71 15.22 -18.52 -5.42
N ARG A 72 15.78 -19.31 -4.51
CA ARG A 72 15.16 -20.56 -4.10
C ARG A 72 15.42 -20.88 -2.63
N LEU A 73 14.60 -21.77 -2.10
CA LEU A 73 14.75 -22.23 -0.74
C LEU A 73 15.89 -23.25 -0.88
N ALA A 74 16.56 -23.55 0.24
CA ALA A 74 17.67 -24.49 0.23
C ALA A 74 17.31 -25.82 -0.42
N ASP A 75 16.02 -26.16 -0.46
CA ASP A 75 15.64 -27.44 -1.06
C ASP A 75 15.45 -27.29 -2.56
N GLY A 76 15.69 -26.08 -3.05
CA GLY A 76 15.56 -25.85 -4.48
C GLY A 76 14.20 -25.37 -4.94
N THR A 77 13.27 -25.15 -4.01
CA THR A 77 11.92 -24.68 -4.35
C THR A 77 11.98 -23.22 -4.77
N LEU A 78 11.42 -22.89 -5.93
CA LEU A 78 11.42 -21.49 -6.38
C LEU A 78 10.78 -20.61 -5.29
N TRP A 79 11.50 -19.58 -4.86
CA TRP A 79 11.01 -18.65 -3.85
C TRP A 79 11.90 -17.40 -3.94
N THR A 80 11.36 -16.31 -4.47
CA THR A 80 12.12 -15.09 -4.73
C THR A 80 12.20 -13.92 -3.73
N ILE A 81 11.36 -13.91 -2.73
CA ILE A 81 11.36 -12.81 -1.78
C ILE A 81 11.57 -13.36 -0.40
N PRO A 82 12.63 -12.93 0.29
CA PRO A 82 12.88 -13.45 1.64
C PRO A 82 11.86 -12.95 2.68
N ILE A 83 11.29 -13.89 3.44
CA ILE A 83 10.33 -13.52 4.47
C ILE A 83 10.98 -13.90 5.80
N THR A 84 11.42 -12.89 6.53
CA THR A 84 12.12 -13.08 7.80
C THR A 84 11.53 -12.26 8.93
N LEU A 85 11.82 -12.65 10.17
CA LEU A 85 11.35 -11.91 11.34
C LEU A 85 12.53 -11.03 11.82
N ASP A 86 12.46 -9.74 11.47
CA ASP A 86 13.50 -8.77 11.80
C ASP A 86 13.26 -8.14 13.18
N VAL A 87 14.27 -8.28 14.03
CA VAL A 87 14.22 -7.75 15.39
C VAL A 87 15.45 -6.92 15.72
N ASP A 88 15.37 -6.17 16.82
CA ASP A 88 16.51 -5.36 17.27
C ASP A 88 17.46 -6.21 18.14
N GLU A 89 18.68 -5.73 18.32
CA GLU A 89 19.70 -6.43 19.10
C GLU A 89 19.28 -6.83 20.53
N ALA A 90 18.65 -5.90 21.24
CA ALA A 90 18.17 -6.16 22.60
C ALA A 90 17.37 -7.45 22.73
N PHE A 91 16.49 -7.71 21.75
CA PHE A 91 15.66 -8.91 21.74
C PHE A 91 16.45 -10.10 21.20
N ALA A 92 17.21 -9.89 20.14
CA ALA A 92 17.97 -11.00 19.58
C ALA A 92 18.85 -11.64 20.63
N ASN A 93 19.45 -10.82 21.49
CA ASN A 93 20.33 -11.35 22.54
C ASN A 93 19.62 -12.23 23.56
N GLN A 94 18.36 -11.94 23.83
CA GLN A 94 17.60 -12.71 24.79
C GLN A 94 17.16 -14.06 24.25
N ILE A 95 17.47 -14.36 22.99
CA ILE A 95 17.03 -15.64 22.44
C ILE A 95 18.09 -16.51 21.81
N LYS A 96 17.96 -17.82 22.03
CA LYS A 96 18.89 -18.79 21.48
C LYS A 96 18.08 -19.90 20.81
N PRO A 97 18.68 -20.67 19.89
CA PRO A 97 17.93 -21.74 19.25
C PRO A 97 17.17 -22.65 20.22
N ASP A 98 16.02 -23.13 19.75
CA ASP A 98 15.11 -24.00 20.50
C ASP A 98 14.24 -23.19 21.46
N THR A 99 14.53 -21.90 21.61
CA THR A 99 13.72 -21.04 22.45
C THR A 99 12.35 -20.87 21.76
N ARG A 100 11.28 -20.98 22.54
CA ARG A 100 9.95 -20.80 22.00
C ARG A 100 9.52 -19.42 22.46
N ILE A 101 9.14 -18.57 21.52
CA ILE A 101 8.68 -17.23 21.86
C ILE A 101 7.27 -17.01 21.31
N ALA A 102 6.57 -16.02 21.85
CA ALA A 102 5.22 -15.73 21.42
C ALA A 102 5.17 -14.49 20.57
N LEU A 103 4.37 -14.54 19.50
CA LEU A 103 4.24 -13.41 18.60
C LEU A 103 2.82 -12.84 18.79
N PHE A 104 2.78 -11.60 19.27
CA PHE A 104 1.55 -10.85 19.57
C PHE A 104 1.25 -9.76 18.56
N GLN A 105 0.02 -9.26 18.63
CA GLN A 105 -0.44 -8.17 17.78
C GLN A 105 -0.96 -7.11 18.74
N ASP A 106 -0.58 -5.86 18.50
CA ASP A 106 -1.03 -4.74 19.34
C ASP A 106 -0.73 -4.95 20.83
N ASP A 107 0.30 -5.76 21.12
CA ASP A 107 0.70 -6.06 22.51
C ASP A 107 -0.40 -6.73 23.32
N GLU A 108 -1.39 -7.33 22.68
CA GLU A 108 -2.49 -7.92 23.43
C GLU A 108 -3.10 -9.17 22.83
N ILE A 109 -2.92 -9.38 21.53
CA ILE A 109 -3.49 -10.53 20.86
C ILE A 109 -2.46 -11.56 20.42
N PRO A 110 -2.45 -12.75 21.04
CA PRO A 110 -1.47 -13.77 20.62
C PRO A 110 -1.80 -14.38 19.24
N ILE A 111 -0.81 -14.32 18.36
CA ILE A 111 -0.94 -14.80 17.00
C ILE A 111 -0.35 -16.20 16.80
N ALA A 112 0.87 -16.40 17.30
CA ALA A 112 1.54 -17.69 17.15
C ALA A 112 2.71 -17.89 18.12
N ILE A 113 3.27 -19.10 18.10
CA ILE A 113 4.43 -19.40 18.92
C ILE A 113 5.47 -19.77 17.88
N LEU A 114 6.63 -19.14 18.00
CA LEU A 114 7.74 -19.39 17.08
C LEU A 114 8.85 -20.16 17.81
N THR A 115 9.26 -21.29 17.24
CA THR A 115 10.31 -22.11 17.78
C THR A 115 11.59 -21.70 17.04
N VAL A 116 12.44 -20.95 17.72
CA VAL A 116 13.68 -20.43 17.16
C VAL A 116 14.67 -21.46 16.67
N GLN A 117 15.02 -21.38 15.39
CA GLN A 117 15.99 -22.28 14.80
C GLN A 117 17.34 -21.58 14.81
N ASP A 118 17.32 -20.28 14.56
CA ASP A 118 18.55 -19.52 14.55
C ASP A 118 18.30 -18.04 14.75
N VAL A 119 19.39 -17.32 15.00
CA VAL A 119 19.38 -15.87 15.17
C VAL A 119 20.62 -15.42 14.39
N TYR A 120 20.44 -14.43 13.53
CA TYR A 120 21.55 -13.97 12.73
C TYR A 120 21.39 -12.52 12.29
N LYS A 121 22.51 -11.89 11.99
CA LYS A 121 22.56 -10.50 11.55
C LYS A 121 22.93 -10.54 10.09
N PRO A 122 21.94 -10.32 9.21
CA PRO A 122 22.17 -10.35 7.77
C PRO A 122 22.93 -9.13 7.23
N ASN A 123 23.67 -9.35 6.15
CA ASN A 123 24.39 -8.27 5.48
C ASN A 123 23.34 -7.63 4.58
N LYS A 124 22.77 -6.53 5.06
CA LYS A 124 21.73 -5.82 4.34
C LYS A 124 22.18 -5.15 3.04
N THR A 125 23.48 -5.09 2.80
CA THR A 125 23.94 -4.48 1.55
C THR A 125 23.76 -5.50 0.44
N ILE A 126 24.05 -6.76 0.75
CA ILE A 126 23.91 -7.82 -0.23
C ILE A 126 22.44 -8.05 -0.58
N GLU A 127 21.58 -8.14 0.44
CA GLU A 127 20.15 -8.36 0.24
C GLU A 127 19.65 -7.19 -0.62
N ALA A 128 20.01 -5.98 -0.21
CA ALA A 128 19.59 -4.80 -0.93
C ALA A 128 19.97 -4.89 -2.42
N GLU A 129 21.22 -5.25 -2.69
CA GLU A 129 21.67 -5.35 -4.07
C GLU A 129 21.05 -6.54 -4.80
N LYS A 130 21.23 -7.74 -4.24
CA LYS A 130 20.73 -8.97 -4.85
C LYS A 130 19.21 -9.09 -5.01
N VAL A 131 18.47 -8.86 -3.94
CA VAL A 131 17.02 -8.98 -4.00
C VAL A 131 16.32 -7.75 -4.60
N PHE A 132 16.67 -6.56 -4.14
CA PHE A 132 16.01 -5.35 -4.63
C PHE A 132 16.74 -4.46 -5.65
N ARG A 133 17.83 -4.96 -6.22
CA ARG A 133 18.61 -4.25 -7.24
C ARG A 133 19.54 -3.11 -6.82
N GLY A 134 19.58 -2.80 -5.52
CA GLY A 134 20.51 -1.80 -5.03
C GLY A 134 20.23 -0.31 -4.98
N ASP A 135 19.23 0.21 -5.68
CA ASP A 135 18.99 1.64 -5.61
C ASP A 135 18.53 2.04 -4.22
N PRO A 136 19.29 2.90 -3.53
CA PRO A 136 18.91 3.32 -2.18
C PRO A 136 17.49 3.90 -2.07
N GLU A 137 16.90 4.24 -3.21
CA GLU A 137 15.56 4.82 -3.21
C GLU A 137 14.44 3.79 -3.37
N HIS A 138 14.81 2.53 -3.60
CA HIS A 138 13.83 1.45 -3.73
C HIS A 138 13.15 1.33 -2.37
N PRO A 139 11.82 1.46 -2.34
CA PRO A 139 11.06 1.36 -1.09
C PRO A 139 11.43 0.17 -0.20
N ALA A 140 11.88 -0.92 -0.81
CA ALA A 140 12.22 -2.11 -0.04
C ALA A 140 13.55 -1.90 0.64
N ILE A 141 14.45 -1.16 0.00
CA ILE A 141 15.78 -0.91 0.56
C ILE A 141 15.66 0.14 1.66
N SER A 142 14.78 1.11 1.44
CA SER A 142 14.54 2.16 2.39
C SER A 142 14.06 1.48 3.69
N TYR A 143 13.04 0.63 3.55
CA TYR A 143 12.49 -0.15 4.65
C TYR A 143 13.59 -1.04 5.22
N LEU A 144 14.31 -1.72 4.34
CA LEU A 144 15.37 -2.62 4.76
C LEU A 144 16.34 -1.95 5.73
N PHE A 145 16.73 -0.71 5.43
CA PHE A 145 17.65 0.00 6.30
C PHE A 145 17.02 0.83 7.41
N ASN A 146 16.02 1.64 7.09
CA ASN A 146 15.40 2.51 8.08
C ASN A 146 14.34 1.94 9.03
N VAL A 147 13.68 0.84 8.65
CA VAL A 147 12.63 0.31 9.50
C VAL A 147 12.89 -1.09 10.03
N ALA A 148 13.34 -1.97 9.17
CA ALA A 148 13.59 -3.35 9.55
C ALA A 148 14.66 -3.56 10.60
N GLY A 149 14.43 -4.53 11.48
CA GLY A 149 15.42 -4.84 12.50
C GLY A 149 16.69 -5.39 11.86
N ASP A 150 17.80 -5.30 12.59
CA ASP A 150 19.09 -5.74 12.09
C ASP A 150 19.37 -7.22 12.31
N TYR A 151 18.49 -7.91 13.03
CA TYR A 151 18.70 -9.33 13.28
C TYR A 151 17.51 -10.16 12.84
N TYR A 152 17.77 -11.22 12.08
CA TYR A 152 16.70 -12.07 11.61
C TYR A 152 16.57 -13.29 12.51
N VAL A 153 15.34 -13.63 12.90
CA VAL A 153 15.14 -14.82 13.73
C VAL A 153 14.44 -15.85 12.84
N GLY A 154 15.11 -16.95 12.53
CA GLY A 154 14.49 -17.97 11.71
C GLY A 154 13.82 -19.04 12.56
N GLY A 155 12.66 -19.53 12.14
CA GLY A 155 12.00 -20.56 12.94
C GLY A 155 10.64 -21.04 12.45
N SER A 156 10.22 -22.17 12.99
CA SER A 156 8.95 -22.78 12.61
C SER A 156 7.82 -22.17 13.40
N LEU A 157 6.70 -21.96 12.72
CA LEU A 157 5.54 -21.35 13.34
C LEU A 157 4.43 -22.35 13.71
N GLU A 158 3.70 -22.05 14.77
CA GLU A 158 2.54 -22.84 15.19
C GLU A 158 1.46 -21.75 15.36
N ALA A 159 0.30 -21.99 14.80
CA ALA A 159 -0.77 -21.01 14.79
C ALA A 159 -1.74 -20.95 15.94
N ILE A 160 -2.04 -19.73 16.36
CA ILE A 160 -3.02 -19.51 17.39
C ILE A 160 -4.23 -18.89 16.65
N GLN A 161 -3.97 -17.85 15.86
CA GLN A 161 -5.02 -17.20 15.09
C GLN A 161 -4.39 -16.20 14.13
N LEU A 162 -5.12 -15.86 13.08
CA LEU A 162 -4.61 -14.91 12.09
C LEU A 162 -4.76 -13.49 12.64
N PRO A 163 -3.91 -12.56 12.16
CA PRO A 163 -3.98 -11.16 12.61
C PRO A 163 -5.41 -10.67 12.51
N GLN A 164 -5.86 -10.05 13.59
CA GLN A 164 -7.20 -9.53 13.73
C GLN A 164 -7.53 -8.39 12.75
N HIS A 165 -8.68 -8.45 12.10
CA HIS A 165 -9.11 -7.37 11.19
C HIS A 165 -10.59 -7.23 11.45
N TYR A 166 -11.09 -6.00 11.65
CA TYR A 166 -12.52 -5.86 11.89
C TYR A 166 -13.27 -5.37 10.65
N ASP A 167 -12.54 -4.93 9.64
CA ASP A 167 -13.18 -4.46 8.40
C ASP A 167 -13.17 -5.57 7.36
N TYR A 168 -14.18 -5.57 6.51
CA TYR A 168 -14.32 -6.55 5.42
C TYR A 168 -14.09 -8.02 5.79
N PRO A 169 -14.72 -8.49 6.88
CA PRO A 169 -14.61 -9.87 7.35
C PRO A 169 -15.04 -10.85 6.25
N GLY A 170 -16.02 -10.42 5.47
CA GLY A 170 -16.51 -11.26 4.42
C GLY A 170 -15.54 -11.49 3.27
N LEU A 171 -14.78 -10.47 2.91
CA LEU A 171 -13.89 -10.55 1.77
C LEU A 171 -12.46 -11.05 1.95
N ARG A 172 -12.03 -11.25 3.17
CA ARG A 172 -10.64 -11.70 3.37
C ARG A 172 -10.51 -13.23 3.35
N LYS A 173 -10.67 -13.80 2.17
CA LYS A 173 -10.62 -15.24 2.10
C LYS A 173 -9.21 -15.79 2.16
N THR A 174 -9.07 -16.86 2.95
CA THR A 174 -7.82 -17.55 3.06
C THR A 174 -7.76 -18.48 1.82
N PRO A 175 -6.58 -19.04 1.54
CA PRO A 175 -6.41 -19.95 0.40
C PRO A 175 -7.46 -21.08 0.40
N ALA A 176 -7.63 -21.76 1.52
CA ALA A 176 -8.59 -22.87 1.62
C ALA A 176 -10.00 -22.39 1.38
N GLN A 177 -10.32 -21.23 1.95
CA GLN A 177 -11.64 -20.65 1.80
C GLN A 177 -11.90 -20.27 0.36
N LEU A 178 -10.94 -19.62 -0.27
CA LEU A 178 -11.18 -19.21 -1.65
C LEU A 178 -11.33 -20.45 -2.53
N ARG A 179 -10.52 -21.46 -2.27
CA ARG A 179 -10.58 -22.66 -3.07
C ARG A 179 -11.99 -23.29 -2.98
N LEU A 180 -12.62 -23.24 -1.80
CA LEU A 180 -13.97 -23.79 -1.58
C LEU A 180 -15.03 -22.94 -2.28
N GLU A 181 -14.80 -21.63 -2.35
CA GLU A 181 -15.70 -20.71 -3.00
C GLU A 181 -15.68 -21.04 -4.51
N PHE A 182 -14.51 -21.29 -5.08
CA PHE A 182 -14.45 -21.62 -6.50
C PHE A 182 -15.11 -22.98 -6.73
N GLN A 183 -14.78 -23.94 -5.88
CA GLN A 183 -15.30 -25.30 -5.95
C GLN A 183 -16.84 -25.34 -5.87
N SER A 184 -17.43 -24.55 -4.99
CA SER A 184 -18.88 -24.54 -4.89
C SER A 184 -19.57 -23.97 -6.14
N ARG A 185 -18.84 -23.18 -6.94
CA ARG A 185 -19.37 -22.59 -8.17
C ARG A 185 -18.91 -23.41 -9.37
N GLN A 186 -18.15 -24.47 -9.12
CA GLN A 186 -17.60 -25.34 -10.16
C GLN A 186 -16.63 -24.62 -11.08
N TRP A 187 -15.92 -23.64 -10.55
CA TRP A 187 -14.92 -22.90 -11.31
C TRP A 187 -13.62 -23.68 -11.22
N ASP A 188 -13.04 -24.04 -12.36
CA ASP A 188 -11.77 -24.77 -12.32
C ASP A 188 -10.74 -24.12 -13.19
N ARG A 189 -11.10 -22.97 -13.73
CA ARG A 189 -10.19 -22.15 -14.54
C ARG A 189 -10.47 -20.73 -14.02
N VAL A 190 -9.51 -20.15 -13.32
CA VAL A 190 -9.71 -18.83 -12.76
C VAL A 190 -8.49 -17.93 -13.04
N VAL A 191 -8.72 -16.78 -13.69
CA VAL A 191 -7.61 -15.87 -13.93
C VAL A 191 -7.60 -14.77 -12.86
N ALA A 192 -6.46 -14.63 -12.20
CA ALA A 192 -6.35 -13.64 -11.15
C ALA A 192 -5.69 -12.34 -11.62
N PHE A 193 -6.20 -11.23 -11.06
CA PHE A 193 -5.72 -9.87 -11.35
C PHE A 193 -5.21 -9.21 -10.06
N GLN A 194 -3.94 -8.80 -10.07
CA GLN A 194 -3.30 -8.14 -8.95
C GLN A 194 -3.44 -6.64 -9.14
N THR A 195 -3.55 -5.90 -8.04
CA THR A 195 -3.63 -4.45 -8.09
C THR A 195 -3.52 -3.81 -6.73
N ARG A 196 -2.97 -2.60 -6.73
CA ARG A 196 -2.84 -1.83 -5.50
C ARG A 196 -3.43 -0.47 -5.83
N ASN A 197 -4.23 -0.39 -6.89
CA ASN A 197 -4.85 0.85 -7.35
C ASN A 197 -6.33 0.78 -7.66
N PRO A 198 -6.94 1.94 -7.91
CA PRO A 198 -8.36 1.94 -8.22
C PRO A 198 -8.42 1.28 -9.58
N MET A 199 -9.57 0.74 -9.93
CA MET A 199 -9.77 0.08 -11.22
C MET A 199 -10.71 0.95 -12.03
N HIS A 200 -10.30 1.25 -13.25
CA HIS A 200 -11.09 2.04 -14.19
C HIS A 200 -11.57 1.13 -15.31
N ARG A 201 -12.41 1.68 -16.17
CA ARG A 201 -13.00 0.96 -17.29
C ARG A 201 -12.03 0.05 -18.03
N ALA A 202 -10.81 0.54 -18.23
CA ALA A 202 -9.77 -0.23 -18.92
C ALA A 202 -9.44 -1.53 -18.18
N HIS A 203 -9.39 -1.47 -16.86
CA HIS A 203 -9.06 -2.65 -16.07
C HIS A 203 -10.20 -3.64 -16.14
N ARG A 204 -11.43 -3.11 -16.11
CA ARG A 204 -12.59 -3.97 -16.22
C ARG A 204 -12.53 -4.67 -17.61
N GLU A 205 -12.32 -3.87 -18.66
CA GLU A 205 -12.25 -4.42 -20.00
C GLU A 205 -11.15 -5.46 -20.14
N LEU A 206 -9.94 -5.13 -19.71
CA LEU A 206 -8.87 -6.08 -19.88
C LEU A 206 -9.03 -7.37 -19.10
N THR A 207 -9.63 -7.31 -17.91
CA THR A 207 -9.79 -8.54 -17.15
C THR A 207 -10.84 -9.45 -17.79
N VAL A 208 -11.93 -8.87 -18.33
CA VAL A 208 -12.97 -9.64 -19.01
C VAL A 208 -12.44 -10.31 -20.30
N ARG A 209 -11.58 -9.61 -21.04
CA ARG A 209 -11.02 -10.18 -22.26
C ARG A 209 -10.12 -11.31 -21.84
N ALA A 210 -9.45 -11.14 -20.70
CA ALA A 210 -8.58 -12.19 -20.22
C ALA A 210 -9.43 -13.42 -19.98
N ALA A 211 -10.59 -13.19 -19.37
CA ALA A 211 -11.50 -14.29 -19.04
C ALA A 211 -11.95 -14.97 -20.30
N ARG A 212 -12.20 -14.17 -21.32
CA ARG A 212 -12.68 -14.72 -22.58
C ARG A 212 -11.57 -15.54 -23.26
N GLU A 213 -10.36 -15.00 -23.30
CA GLU A 213 -9.29 -15.73 -23.95
C GLU A 213 -8.80 -16.96 -23.19
N ALA A 214 -8.81 -16.92 -21.86
CA ALA A 214 -8.34 -18.06 -21.11
C ALA A 214 -9.49 -19.02 -20.78
N ASN A 215 -10.69 -18.67 -21.19
CA ASN A 215 -11.84 -19.51 -20.87
C ASN A 215 -11.88 -19.73 -19.35
N ALA A 216 -11.66 -18.66 -18.59
CA ALA A 216 -11.63 -18.74 -17.14
C ALA A 216 -12.52 -17.72 -16.46
N LYS A 217 -12.87 -17.98 -15.21
CA LYS A 217 -13.66 -17.03 -14.45
C LYS A 217 -12.67 -15.97 -13.92
N VAL A 218 -13.17 -14.83 -13.46
CA VAL A 218 -12.26 -13.78 -13.00
C VAL A 218 -12.12 -13.61 -11.48
N LEU A 219 -10.88 -13.48 -11.01
CA LEU A 219 -10.60 -13.22 -9.59
C LEU A 219 -9.88 -11.88 -9.41
N ILE A 220 -10.58 -10.90 -8.89
CA ILE A 220 -10.00 -9.60 -8.61
C ILE A 220 -9.49 -9.74 -7.19
N HIS A 221 -8.17 -9.85 -7.10
CA HIS A 221 -7.44 -10.08 -5.85
C HIS A 221 -6.59 -8.87 -5.45
N PRO A 222 -7.23 -7.77 -5.00
CA PRO A 222 -6.41 -6.60 -4.62
C PRO A 222 -5.62 -6.73 -3.32
N VAL A 223 -4.45 -6.07 -3.28
CA VAL A 223 -3.65 -6.09 -2.09
C VAL A 223 -4.17 -5.06 -1.08
N VAL A 224 -4.36 -5.48 0.17
CA VAL A 224 -4.84 -4.55 1.14
C VAL A 224 -3.99 -4.49 2.39
N GLY A 225 -2.75 -4.99 2.29
CA GLY A 225 -1.82 -4.95 3.40
C GLY A 225 -0.97 -3.69 3.21
N LEU A 226 0.30 -3.85 2.85
CA LEU A 226 1.08 -2.67 2.58
C LEU A 226 1.33 -2.71 1.07
N THR A 227 1.18 -1.56 0.44
CA THR A 227 1.42 -1.46 -0.99
C THR A 227 2.44 -0.35 -1.16
N LYS A 228 2.40 0.38 -2.26
CA LYS A 228 3.37 1.44 -2.48
C LYS A 228 3.13 2.68 -1.62
N PRO A 229 4.20 3.38 -1.21
CA PRO A 229 3.97 4.57 -0.37
C PRO A 229 3.27 5.61 -1.23
N GLY A 230 2.23 6.24 -0.69
CA GLY A 230 1.51 7.24 -1.45
C GLY A 230 0.26 6.69 -2.12
N ASP A 231 0.11 5.37 -2.12
CA ASP A 231 -1.06 4.72 -2.72
C ASP A 231 -2.32 5.19 -2.02
N ILE A 232 -3.46 4.99 -2.68
CA ILE A 232 -4.72 5.33 -2.10
C ILE A 232 -5.01 4.29 -1.03
N ASP A 233 -5.63 4.72 0.07
CA ASP A 233 -5.94 3.80 1.18
C ASP A 233 -6.81 2.64 0.70
N HIS A 234 -6.67 1.48 1.32
CA HIS A 234 -7.45 0.33 0.90
C HIS A 234 -8.95 0.39 1.14
N HIS A 235 -9.40 1.21 2.08
CA HIS A 235 -10.83 1.36 2.34
C HIS A 235 -11.47 1.98 1.10
N THR A 236 -10.86 3.07 0.64
CA THR A 236 -11.32 3.75 -0.55
C THR A 236 -11.30 2.74 -1.70
N ARG A 237 -10.15 2.09 -1.87
CA ARG A 237 -9.98 1.11 -2.93
C ARG A 237 -10.96 -0.05 -2.86
N VAL A 238 -11.18 -0.61 -1.67
CA VAL A 238 -12.13 -1.69 -1.56
C VAL A 238 -13.50 -1.20 -2.01
N ARG A 239 -13.86 0.03 -1.65
CA ARG A 239 -15.15 0.59 -2.04
C ARG A 239 -15.25 0.61 -3.56
N VAL A 240 -14.16 0.99 -4.21
CA VAL A 240 -14.12 1.02 -5.66
C VAL A 240 -14.27 -0.40 -6.25
N TYR A 241 -13.56 -1.37 -5.70
CA TYR A 241 -13.62 -2.74 -6.19
C TYR A 241 -15.04 -3.27 -6.03
N GLN A 242 -15.60 -3.09 -4.85
CA GLN A 242 -16.93 -3.56 -4.61
C GLN A 242 -17.87 -2.92 -5.62
N GLU A 243 -17.52 -1.73 -6.07
CA GLU A 243 -18.39 -1.07 -7.02
C GLU A 243 -18.22 -1.61 -8.44
N ILE A 244 -16.96 -1.73 -8.87
CA ILE A 244 -16.69 -2.20 -10.21
C ILE A 244 -17.05 -3.68 -10.44
N ILE A 245 -16.96 -4.51 -9.41
CA ILE A 245 -17.26 -5.95 -9.55
C ILE A 245 -18.71 -6.12 -9.97
N LYS A 246 -19.52 -5.09 -9.74
CA LYS A 246 -20.92 -5.14 -10.11
C LYS A 246 -21.10 -4.88 -11.61
N ARG A 247 -20.02 -4.50 -12.29
CA ARG A 247 -20.04 -4.18 -13.72
C ARG A 247 -19.62 -5.31 -14.64
N TYR A 248 -19.38 -6.48 -14.06
CA TYR A 248 -18.99 -7.64 -14.85
C TYR A 248 -20.24 -8.41 -15.17
N PRO A 249 -20.20 -9.28 -16.18
CA PRO A 249 -21.48 -9.97 -16.39
C PRO A 249 -21.70 -10.90 -15.21
N ASN A 250 -22.95 -11.04 -14.80
CA ASN A 250 -23.27 -11.87 -13.64
C ASN A 250 -22.56 -13.21 -13.65
N GLY A 251 -22.02 -13.56 -12.50
CA GLY A 251 -21.37 -14.85 -12.34
C GLY A 251 -20.04 -15.07 -13.00
N ILE A 252 -19.37 -14.00 -13.41
CA ILE A 252 -18.09 -14.20 -14.05
C ILE A 252 -16.94 -13.82 -13.15
N ALA A 253 -17.22 -13.00 -12.14
CA ALA A 253 -16.16 -12.51 -11.26
C ALA A 253 -16.36 -12.63 -9.76
N PHE A 254 -15.25 -12.71 -9.04
CA PHE A 254 -15.27 -12.85 -7.59
C PHE A 254 -14.23 -11.91 -7.00
N LEU A 255 -14.61 -11.19 -5.95
CA LEU A 255 -13.73 -10.25 -5.28
C LEU A 255 -13.24 -10.83 -3.96
N SER A 256 -11.93 -10.93 -3.81
CA SER A 256 -11.29 -11.39 -2.57
C SER A 256 -10.04 -10.51 -2.32
N LEU A 257 -9.86 -10.10 -1.06
CA LEU A 257 -8.76 -9.22 -0.62
C LEU A 257 -7.55 -9.99 -0.15
N LEU A 258 -6.37 -9.49 -0.50
CA LEU A 258 -5.13 -10.16 -0.13
C LEU A 258 -4.30 -9.31 0.82
N PRO A 259 -4.13 -9.78 2.07
CA PRO A 259 -3.36 -9.03 3.06
C PRO A 259 -1.85 -9.12 2.89
N LEU A 260 -1.41 -8.99 1.65
CA LEU A 260 0.02 -9.05 1.35
C LEU A 260 0.76 -7.74 1.65
N ALA A 261 2.03 -7.84 1.97
CA ALA A 261 2.86 -6.66 2.21
C ALA A 261 3.75 -6.63 0.99
N MET A 262 3.43 -5.81 0.01
CA MET A 262 4.26 -5.76 -1.18
C MET A 262 5.64 -5.17 -0.85
N ARG A 263 6.65 -5.57 -1.62
CA ARG A 263 7.97 -5.02 -1.45
C ARG A 263 8.21 -4.10 -2.62
N MET A 264 7.31 -4.16 -3.61
CA MET A 264 7.43 -3.39 -4.84
C MET A 264 8.71 -3.85 -5.47
N SER A 265 8.94 -5.16 -5.41
CA SER A 265 10.17 -5.71 -5.92
C SER A 265 10.11 -6.25 -7.35
N GLY A 266 9.47 -5.48 -8.22
CA GLY A 266 9.38 -5.81 -9.62
C GLY A 266 9.26 -7.23 -10.12
N ASP A 267 10.27 -7.69 -10.86
CA ASP A 267 10.22 -9.03 -11.44
C ASP A 267 10.25 -10.15 -10.39
N ARG A 268 11.03 -10.00 -9.33
CA ARG A 268 11.05 -11.01 -8.28
C ARG A 268 9.66 -11.09 -7.66
N GLU A 269 9.08 -9.92 -7.39
CA GLU A 269 7.77 -9.90 -6.77
C GLU A 269 6.72 -10.48 -7.70
N ALA A 270 6.89 -10.27 -9.00
CA ALA A 270 5.92 -10.80 -9.96
C ALA A 270 5.88 -12.32 -9.84
N VAL A 271 7.05 -12.94 -9.71
CA VAL A 271 7.15 -14.39 -9.55
C VAL A 271 6.43 -14.79 -8.27
N TRP A 272 6.72 -14.06 -7.21
CA TRP A 272 6.14 -14.31 -5.90
C TRP A 272 4.60 -14.23 -5.99
N HIS A 273 4.09 -13.22 -6.71
CA HIS A 273 2.64 -13.08 -6.87
C HIS A 273 2.04 -14.29 -7.59
N ALA A 274 2.78 -14.85 -8.54
CA ALA A 274 2.27 -16.01 -9.26
C ALA A 274 2.15 -17.17 -8.28
N ILE A 275 3.20 -17.40 -7.52
CA ILE A 275 3.22 -18.48 -6.55
C ILE A 275 2.06 -18.31 -5.59
N ILE A 276 1.91 -17.10 -5.06
CA ILE A 276 0.86 -16.80 -4.10
C ILE A 276 -0.54 -17.01 -4.65
N ARG A 277 -0.75 -16.64 -5.89
CA ARG A 277 -2.08 -16.82 -6.45
C ARG A 277 -2.34 -18.31 -6.72
N LYS A 278 -1.28 -19.06 -6.99
CA LYS A 278 -1.45 -20.47 -7.24
C LYS A 278 -1.93 -21.12 -5.93
N ASN A 279 -1.36 -20.67 -4.81
CA ASN A 279 -1.73 -21.19 -3.49
C ASN A 279 -3.18 -20.86 -3.15
N TYR A 280 -3.63 -19.68 -3.58
CA TYR A 280 -4.99 -19.26 -3.34
C TYR A 280 -5.97 -19.95 -4.30
N GLY A 281 -5.46 -20.75 -5.24
CA GLY A 281 -6.34 -21.48 -6.13
C GLY A 281 -6.52 -20.98 -7.56
N ALA A 282 -5.81 -19.94 -7.97
CA ALA A 282 -5.96 -19.48 -9.34
C ALA A 282 -5.22 -20.40 -10.30
N SER A 283 -5.76 -20.59 -11.49
CA SER A 283 -5.14 -21.41 -12.52
C SER A 283 -4.32 -20.51 -13.47
N HIS A 284 -4.73 -19.24 -13.59
CA HIS A 284 -4.10 -18.25 -14.45
C HIS A 284 -3.82 -16.95 -13.70
N PHE A 285 -2.91 -16.14 -14.25
CA PHE A 285 -2.51 -14.88 -13.64
C PHE A 285 -1.99 -13.91 -14.71
N ILE A 286 -2.28 -12.62 -14.55
CA ILE A 286 -1.81 -11.67 -15.52
C ILE A 286 -0.62 -10.91 -14.91
N VAL A 287 0.50 -10.85 -15.63
CA VAL A 287 1.67 -10.10 -15.17
C VAL A 287 1.72 -8.85 -16.05
N GLY A 288 1.65 -7.67 -15.42
CA GLY A 288 1.61 -6.44 -16.20
C GLY A 288 2.92 -5.78 -16.56
N ARG A 289 2.82 -4.61 -17.20
CA ARG A 289 3.98 -3.83 -17.62
C ARG A 289 4.55 -3.27 -16.33
N ASP A 290 5.85 -3.44 -16.10
CA ASP A 290 6.50 -3.00 -14.87
C ASP A 290 5.70 -3.52 -13.67
N HIS A 291 5.23 -4.76 -13.78
CA HIS A 291 4.46 -5.38 -12.71
C HIS A 291 5.20 -5.22 -11.38
N ALA A 292 4.46 -4.77 -10.37
CA ALA A 292 4.99 -4.59 -9.01
C ALA A 292 6.28 -3.77 -8.97
N GLY A 293 6.43 -2.88 -9.95
CA GLY A 293 7.59 -2.01 -9.98
C GLY A 293 7.30 -0.67 -9.32
N PRO A 294 8.27 -0.07 -8.62
CA PRO A 294 7.95 1.21 -7.99
C PRO A 294 8.09 2.46 -8.93
N GLY A 295 8.53 2.22 -10.17
CA GLY A 295 8.68 3.30 -11.15
C GLY A 295 10.10 3.76 -11.43
N LYS A 296 10.30 5.08 -11.34
CA LYS A 296 11.60 5.68 -11.58
C LYS A 296 12.13 6.31 -10.29
N ASN A 297 13.45 6.45 -10.19
CA ASN A 297 14.06 7.08 -9.02
C ASN A 297 14.16 8.58 -9.29
N SER A 298 14.88 9.29 -8.43
CA SER A 298 15.02 10.74 -8.58
C SER A 298 15.62 11.15 -9.92
N LYS A 299 16.70 10.48 -10.32
CA LYS A 299 17.36 10.78 -11.58
C LYS A 299 16.46 10.43 -12.75
N GLY A 300 15.21 10.10 -12.46
CA GLY A 300 14.28 9.74 -13.51
C GLY A 300 14.55 8.38 -14.15
N VAL A 301 15.44 7.57 -13.57
CA VAL A 301 15.71 6.27 -14.17
C VAL A 301 14.83 5.13 -13.60
N ASP A 302 14.46 4.22 -14.50
CA ASP A 302 13.59 3.08 -14.18
C ASP A 302 14.18 2.14 -13.13
N PHE A 303 13.39 1.83 -12.10
CA PHE A 303 13.85 0.87 -11.09
C PHE A 303 13.93 -0.49 -11.77
N TYR A 304 13.01 -0.76 -12.70
CA TYR A 304 13.02 -2.01 -13.47
C TYR A 304 12.62 -1.69 -14.90
N GLY A 305 13.03 -2.54 -15.84
CA GLY A 305 12.64 -2.36 -17.23
C GLY A 305 11.20 -2.80 -17.31
N PRO A 306 10.37 -2.16 -18.15
CA PRO A 306 8.95 -2.53 -18.26
C PRO A 306 8.61 -4.00 -18.49
N TYR A 307 9.53 -4.77 -19.08
CA TYR A 307 9.25 -6.19 -19.35
C TYR A 307 10.08 -7.18 -18.56
N ASP A 308 10.80 -6.70 -17.55
CA ASP A 308 11.62 -7.60 -16.76
C ASP A 308 10.74 -8.63 -16.07
N ALA A 309 9.63 -8.16 -15.53
CA ALA A 309 8.70 -9.03 -14.83
C ALA A 309 8.19 -10.15 -15.72
N GLN A 310 7.54 -9.79 -16.82
CA GLN A 310 7.02 -10.78 -17.74
C GLN A 310 8.11 -11.74 -18.21
N GLU A 311 9.32 -11.24 -18.43
CA GLU A 311 10.41 -12.11 -18.88
C GLU A 311 10.86 -13.06 -17.79
N LEU A 312 10.96 -12.57 -16.56
CA LEU A 312 11.39 -13.43 -15.47
C LEU A 312 10.36 -14.55 -15.21
N VAL A 313 9.08 -14.19 -15.18
CA VAL A 313 8.02 -15.16 -14.92
C VAL A 313 8.01 -16.22 -16.02
N GLU A 314 8.23 -15.77 -17.25
CA GLU A 314 8.28 -16.66 -18.41
C GLU A 314 9.47 -17.61 -18.29
N SER A 315 10.57 -17.16 -17.69
CA SER A 315 11.72 -18.05 -17.59
C SER A 315 11.51 -19.16 -16.57
N TYR A 316 10.53 -18.97 -15.69
CA TYR A 316 10.20 -19.95 -14.66
C TYR A 316 8.91 -20.68 -15.00
N LYS A 317 8.41 -20.42 -16.20
CA LYS A 317 7.17 -21.01 -16.65
C LYS A 317 7.01 -22.51 -16.43
N HIS A 318 8.06 -23.27 -16.71
CA HIS A 318 7.95 -24.72 -16.59
C HIS A 318 7.88 -25.28 -15.16
N GLU A 319 8.02 -24.41 -14.16
CA GLU A 319 7.93 -24.89 -12.79
C GLU A 319 6.95 -24.08 -11.92
N LEU A 320 6.36 -23.03 -12.49
CA LEU A 320 5.41 -22.21 -11.73
C LEU A 320 4.07 -22.92 -11.53
N ASP A 321 3.69 -23.70 -12.51
CA ASP A 321 2.46 -24.45 -12.44
C ASP A 321 1.21 -23.59 -12.29
N ILE A 322 1.22 -22.46 -12.98
CA ILE A 322 0.08 -21.56 -13.07
C ILE A 322 0.27 -20.81 -14.41
N GLU A 323 -0.72 -20.89 -15.27
CA GLU A 323 -0.63 -20.22 -16.57
C GLU A 323 -0.64 -18.69 -16.45
N VAL A 324 0.24 -18.05 -17.21
CA VAL A 324 0.35 -16.61 -17.23
C VAL A 324 -0.24 -16.09 -18.51
N VAL A 325 -1.32 -15.33 -18.38
CA VAL A 325 -2.00 -14.78 -19.52
C VAL A 325 -1.28 -13.54 -20.01
N PRO A 326 -1.07 -13.41 -21.33
CA PRO A 326 -0.38 -12.21 -21.83
C PRO A 326 -1.12 -10.91 -21.47
N PHE A 327 -0.38 -9.86 -21.12
CA PHE A 327 -0.97 -8.58 -20.77
C PHE A 327 -1.28 -7.74 -21.99
N ARG A 328 -2.55 -7.60 -22.32
CA ARG A 328 -2.94 -6.82 -23.50
C ARG A 328 -3.65 -5.53 -23.05
N MET A 329 -2.91 -4.47 -22.72
CA MET A 329 -3.56 -3.24 -22.30
C MET A 329 -4.49 -2.68 -23.42
N VAL A 330 -5.62 -2.12 -23.00
CA VAL A 330 -6.64 -1.58 -23.90
C VAL A 330 -6.69 -0.06 -23.78
N THR A 331 -7.14 0.60 -24.84
CA THR A 331 -7.29 2.06 -24.85
C THR A 331 -8.67 2.39 -25.45
N TYR A 332 -9.21 3.57 -25.17
CA TYR A 332 -10.53 3.95 -25.67
C TYR A 332 -10.50 4.60 -27.06
N LEU A 333 -11.40 4.16 -27.94
CA LEU A 333 -11.53 4.70 -29.31
C LEU A 333 -12.75 5.61 -29.38
N PRO A 334 -12.57 6.92 -29.25
CA PRO A 334 -13.71 7.85 -29.30
C PRO A 334 -14.67 7.57 -30.45
N ASP A 335 -14.11 7.58 -31.67
CA ASP A 335 -14.88 7.36 -32.90
C ASP A 335 -15.65 6.05 -33.00
N GLU A 336 -15.32 5.08 -32.17
CA GLU A 336 -16.05 3.81 -32.21
C GLU A 336 -16.74 3.49 -30.90
N ASP A 337 -16.60 4.37 -29.91
CA ASP A 337 -17.27 4.13 -28.63
C ASP A 337 -16.93 2.76 -28.08
N ARG A 338 -15.64 2.41 -28.05
CA ARG A 338 -15.25 1.11 -27.53
C ARG A 338 -13.78 1.08 -27.12
N TYR A 339 -13.39 0.03 -26.42
CA TYR A 339 -12.01 -0.12 -26.00
C TYR A 339 -11.47 -1.22 -26.86
N ALA A 340 -10.19 -1.11 -27.18
CA ALA A 340 -9.57 -2.11 -27.99
C ALA A 340 -8.12 -2.27 -27.55
N PRO A 341 -7.58 -3.47 -27.75
CA PRO A 341 -6.19 -3.73 -27.37
C PRO A 341 -5.29 -2.74 -28.08
N ILE A 342 -4.43 -2.08 -27.30
CA ILE A 342 -3.47 -1.13 -27.81
C ILE A 342 -2.58 -1.72 -28.93
N ASP A 343 -2.31 -3.02 -28.86
CA ASP A 343 -1.49 -3.65 -29.89
C ASP A 343 -2.26 -3.88 -31.20
N GLN A 344 -3.50 -3.43 -31.26
CA GLN A 344 -4.27 -3.61 -32.47
C GLN A 344 -4.54 -2.32 -33.23
N ILE A 345 -4.23 -1.17 -32.64
CA ILE A 345 -4.53 0.07 -33.33
C ILE A 345 -3.30 0.87 -33.73
N ASP A 346 -3.43 1.61 -34.84
CA ASP A 346 -2.34 2.43 -35.34
C ASP A 346 -2.47 3.82 -34.76
N THR A 347 -1.59 4.15 -33.81
CA THR A 347 -1.58 5.45 -33.15
C THR A 347 -1.79 6.58 -34.14
N THR A 348 -1.05 6.53 -35.26
CA THR A 348 -1.15 7.55 -36.29
C THR A 348 -2.04 7.09 -37.43
N LYS A 349 -3.34 7.02 -37.17
CA LYS A 349 -4.31 6.56 -38.16
C LYS A 349 -5.66 6.36 -37.48
N THR A 350 -5.61 6.22 -36.14
CA THR A 350 -6.80 6.02 -35.32
C THR A 350 -6.76 6.84 -34.03
N ARG A 351 -7.90 7.45 -33.69
CA ARG A 351 -8.04 8.26 -32.48
C ARG A 351 -8.21 7.44 -31.21
N THR A 352 -7.41 7.78 -30.20
CA THR A 352 -7.45 7.11 -28.90
C THR A 352 -7.37 8.16 -27.79
N LEU A 353 -8.10 7.94 -26.71
CA LEU A 353 -8.09 8.86 -25.58
C LEU A 353 -7.76 8.10 -24.31
N ASN A 354 -7.09 8.77 -23.39
CA ASN A 354 -6.78 8.17 -22.10
C ASN A 354 -6.36 9.24 -21.10
N ILE A 355 -6.62 8.97 -19.83
CA ILE A 355 -6.29 9.90 -18.77
C ILE A 355 -5.20 9.34 -17.85
N SER A 356 -4.03 9.97 -17.89
CA SER A 356 -2.90 9.53 -17.07
C SER A 356 -3.21 9.74 -15.59
N GLY A 357 -2.44 9.11 -14.72
CA GLY A 357 -2.66 9.28 -13.29
C GLY A 357 -2.48 10.74 -12.89
N THR A 358 -1.44 11.36 -13.46
CA THR A 358 -1.15 12.76 -13.18
C THR A 358 -2.38 13.62 -13.48
N GLU A 359 -2.93 13.47 -14.67
CA GLU A 359 -4.11 14.23 -15.08
C GLU A 359 -5.32 13.91 -14.20
N LEU A 360 -5.49 12.64 -13.84
CA LEU A 360 -6.62 12.25 -13.01
C LEU A 360 -6.48 12.98 -11.68
N ARG A 361 -5.27 13.00 -11.14
CA ARG A 361 -5.00 13.66 -9.88
C ARG A 361 -5.34 15.15 -9.96
N ARG A 362 -5.02 15.76 -11.09
CA ARG A 362 -5.29 17.17 -11.27
C ARG A 362 -6.79 17.43 -11.24
N ARG A 363 -7.52 16.73 -12.09
CA ARG A 363 -8.97 16.88 -12.17
C ARG A 363 -9.64 16.73 -10.82
N LEU A 364 -9.13 15.79 -10.02
CA LEU A 364 -9.66 15.55 -8.68
C LEU A 364 -9.31 16.69 -7.76
N ARG A 365 -8.13 17.27 -7.95
CA ARG A 365 -7.72 18.39 -7.11
C ARG A 365 -8.52 19.64 -7.43
N VAL A 366 -8.98 19.78 -8.67
CA VAL A 366 -9.71 20.99 -9.01
C VAL A 366 -11.21 20.79 -9.15
N GLY A 367 -11.67 19.58 -8.86
CA GLY A 367 -13.08 19.26 -8.98
C GLY A 367 -13.55 19.23 -10.43
N GLY A 368 -12.65 18.89 -11.35
CA GLY A 368 -13.03 18.87 -12.75
C GLY A 368 -13.74 17.60 -13.16
N GLU A 369 -14.37 17.62 -14.33
CA GLU A 369 -15.08 16.46 -14.82
C GLU A 369 -14.14 15.33 -15.27
N ILE A 370 -14.61 14.10 -15.09
CA ILE A 370 -13.88 12.88 -15.47
C ILE A 370 -14.93 12.07 -16.23
N PRO A 371 -14.72 11.84 -17.54
CA PRO A 371 -15.64 11.09 -18.41
C PRO A 371 -15.92 9.61 -18.12
N GLU A 372 -17.16 9.21 -18.35
CA GLU A 372 -17.55 7.84 -18.11
C GLU A 372 -16.79 6.79 -18.95
N TRP A 373 -16.19 7.19 -20.08
CA TRP A 373 -15.43 6.25 -20.89
C TRP A 373 -14.13 5.90 -20.17
N PHE A 374 -13.75 6.77 -19.22
CA PHE A 374 -12.53 6.50 -18.48
C PHE A 374 -12.80 5.64 -17.25
N SER A 375 -13.79 6.05 -16.45
CA SER A 375 -14.09 5.33 -15.23
C SER A 375 -15.58 5.46 -14.96
N TYR A 376 -16.19 4.42 -14.40
CA TYR A 376 -17.62 4.47 -14.10
C TYR A 376 -17.94 5.59 -13.11
N PRO A 377 -19.07 6.26 -13.30
CA PRO A 377 -19.39 7.33 -12.37
C PRO A 377 -19.41 6.92 -10.90
N GLU A 378 -20.06 5.82 -10.54
CA GLU A 378 -20.03 5.43 -9.12
C GLU A 378 -18.57 5.25 -8.60
N VAL A 379 -17.64 4.85 -9.46
CA VAL A 379 -16.26 4.73 -9.01
C VAL A 379 -15.65 6.12 -8.79
N VAL A 380 -15.90 7.03 -9.72
CA VAL A 380 -15.38 8.40 -9.60
C VAL A 380 -15.97 9.12 -8.38
N LYS A 381 -17.24 8.87 -8.09
CA LYS A 381 -17.84 9.54 -6.95
C LYS A 381 -17.08 9.15 -5.68
N ILE A 382 -16.69 7.89 -5.59
CA ILE A 382 -15.94 7.42 -4.43
C ILE A 382 -14.56 8.10 -4.33
N LEU A 383 -13.85 8.20 -5.46
CA LEU A 383 -12.54 8.84 -5.46
C LEU A 383 -12.63 10.31 -5.03
N ARG A 384 -13.66 11.02 -5.51
CA ARG A 384 -13.82 12.43 -5.15
C ARG A 384 -14.04 12.58 -3.65
N GLU A 385 -14.74 11.64 -3.03
CA GLU A 385 -15.00 11.69 -1.58
C GLU A 385 -13.78 11.52 -0.69
N SER A 386 -12.91 10.60 -1.04
CA SER A 386 -11.72 10.34 -0.24
C SER A 386 -10.65 11.34 -0.51
N ASN A 387 -10.72 11.93 -1.70
CA ASN A 387 -9.76 12.92 -2.13
C ASN A 387 -10.56 14.12 -2.69
N PRO A 388 -11.12 14.93 -1.77
CA PRO A 388 -11.90 16.11 -2.17
C PRO A 388 -11.10 17.21 -2.85
N PRO A 389 -11.77 18.00 -3.70
CA PRO A 389 -11.06 19.08 -4.39
C PRO A 389 -10.70 20.21 -3.41
N ARG A 390 -9.82 21.10 -3.83
CA ARG A 390 -9.34 22.20 -3.00
C ARG A 390 -10.36 23.03 -2.19
N PRO A 391 -11.52 23.36 -2.79
CA PRO A 391 -12.49 24.13 -2.01
C PRO A 391 -12.95 23.37 -0.76
N LYS A 392 -12.71 22.05 -0.75
CA LYS A 392 -13.11 21.20 0.37
C LYS A 392 -11.92 20.64 1.16
N GLN A 393 -10.73 21.13 0.85
CA GLN A 393 -9.54 20.67 1.52
C GLN A 393 -9.17 21.54 2.71
N GLY A 394 -8.60 20.90 3.72
CA GLY A 394 -8.16 21.63 4.88
C GLY A 394 -6.78 22.21 4.59
N PHE A 395 -6.27 23.02 5.51
CA PHE A 395 -4.97 23.62 5.31
C PHE A 395 -4.52 24.28 6.61
N SER A 396 -3.27 24.73 6.66
CA SER A 396 -2.74 25.42 7.84
C SER A 396 -1.88 26.56 7.42
N ILE A 397 -1.97 27.66 8.16
CA ILE A 397 -1.15 28.84 7.91
C ILE A 397 -0.28 28.99 9.14
N VAL A 398 1.02 28.84 8.95
CA VAL A 398 1.94 28.97 10.08
C VAL A 398 2.58 30.35 10.12
N LEU A 399 2.39 31.07 11.22
CA LEU A 399 2.99 32.39 11.35
C LEU A 399 4.47 32.20 11.63
N GLY A 400 5.30 32.51 10.63
CA GLY A 400 6.73 32.37 10.77
C GLY A 400 7.41 33.09 11.93
N ASN A 401 8.61 32.60 12.24
CA ASN A 401 9.45 33.15 13.32
C ASN A 401 9.91 34.60 13.07
N SER A 402 9.94 35.01 11.79
CA SER A 402 10.37 36.36 11.43
C SER A 402 9.36 37.47 11.73
N LEU A 403 8.10 37.10 11.95
CA LEU A 403 7.05 38.07 12.22
C LEU A 403 7.23 38.93 13.46
N THR A 404 7.15 40.25 13.30
CA THR A 404 7.26 41.14 14.43
C THR A 404 5.93 41.81 14.73
N VAL A 405 4.94 41.59 13.89
CA VAL A 405 3.60 42.14 14.16
C VAL A 405 3.05 41.27 15.31
N SER A 406 1.95 41.69 15.92
CA SER A 406 1.35 40.93 17.00
C SER A 406 0.73 39.64 16.48
N ARG A 407 1.27 38.51 16.92
CA ARG A 407 0.78 37.20 16.52
C ARG A 407 -0.66 36.97 16.95
N GLU A 408 -1.02 37.45 18.13
CA GLU A 408 -2.38 37.26 18.61
C GLU A 408 -3.39 38.01 17.72
N GLN A 409 -3.02 39.21 17.27
CA GLN A 409 -3.89 40.01 16.42
C GLN A 409 -3.94 39.54 14.97
N LEU A 410 -2.80 39.13 14.42
CA LEU A 410 -2.78 38.61 13.05
C LEU A 410 -3.67 37.33 12.96
N SER A 411 -3.54 36.45 13.94
CA SER A 411 -4.33 35.22 13.97
C SER A 411 -5.81 35.55 14.06
N ILE A 412 -6.16 36.47 14.94
CA ILE A 412 -7.55 36.90 15.08
C ILE A 412 -8.03 37.52 13.76
N ALA A 413 -7.19 38.32 13.11
CA ALA A 413 -7.57 38.94 11.85
C ALA A 413 -7.85 37.88 10.77
N LEU A 414 -6.97 36.89 10.68
CA LEU A 414 -7.14 35.81 9.71
C LEU A 414 -8.43 35.03 9.96
N LEU A 415 -8.71 34.72 11.22
CA LEU A 415 -9.89 33.97 11.59
C LEU A 415 -11.14 34.72 11.15
N SER A 416 -11.30 35.95 11.65
CA SER A 416 -12.44 36.79 11.32
C SER A 416 -12.62 36.92 9.82
N THR A 417 -11.49 37.00 9.11
CA THR A 417 -11.54 37.15 7.65
C THR A 417 -12.06 35.87 6.98
N PHE A 418 -11.43 34.74 7.30
CA PHE A 418 -11.82 33.45 6.75
C PHE A 418 -13.30 33.20 7.04
N LEU A 419 -13.71 33.49 8.26
CA LEU A 419 -15.10 33.27 8.65
C LEU A 419 -16.12 34.03 7.80
N GLN A 420 -15.69 35.04 7.05
CA GLN A 420 -16.61 35.79 6.21
C GLN A 420 -17.06 34.94 5.02
N PHE A 421 -16.09 34.23 4.45
CA PHE A 421 -16.28 33.40 3.28
C PHE A 421 -17.22 32.24 3.56
N GLY A 422 -17.91 31.76 2.54
CA GLY A 422 -18.81 30.63 2.80
C GLY A 422 -18.11 29.30 2.56
N GLY A 423 -18.89 28.25 2.36
CA GLY A 423 -18.29 26.96 2.06
C GLY A 423 -18.30 25.93 3.16
N GLY A 424 -18.57 26.35 4.39
CA GLY A 424 -18.62 25.39 5.47
C GLY A 424 -17.32 24.89 6.08
N ARG A 425 -16.17 25.40 5.64
CA ARG A 425 -14.93 24.97 6.24
C ARG A 425 -14.89 25.49 7.67
N TYR A 426 -14.39 24.66 8.58
CA TYR A 426 -14.27 24.99 10.00
C TYR A 426 -12.87 25.55 10.24
N TYR A 427 -12.81 26.60 11.08
CA TYR A 427 -11.55 27.28 11.36
C TYR A 427 -11.08 27.29 12.80
N LYS A 428 -9.77 27.19 12.98
CA LYS A 428 -9.24 27.20 14.32
C LYS A 428 -7.86 27.79 14.43
N ILE A 429 -7.68 28.64 15.44
CA ILE A 429 -6.37 29.24 15.75
C ILE A 429 -5.87 28.10 16.65
N PHE A 430 -4.82 27.42 16.20
CA PHE A 430 -4.31 26.24 16.92
C PHE A 430 -2.94 26.44 17.56
N GLU A 431 -2.89 26.35 18.88
CA GLU A 431 -1.64 26.51 19.61
C GLU A 431 -1.15 25.13 20.03
N HIS A 432 0.02 24.75 19.52
CA HIS A 432 0.55 23.43 19.84
C HIS A 432 1.54 23.46 21.01
N ASN A 433 2.11 24.63 21.27
CA ASN A 433 3.08 24.81 22.36
C ASN A 433 4.21 23.81 22.24
N ASN A 434 4.56 23.50 21.00
CA ASN A 434 5.62 22.54 20.71
C ASN A 434 5.40 21.16 21.34
N LYS A 435 4.18 20.90 21.82
CA LYS A 435 3.82 19.61 22.40
C LYS A 435 3.46 18.62 21.29
N THR A 436 4.09 17.46 21.30
CA THR A 436 3.86 16.42 20.31
C THR A 436 2.39 15.99 20.26
N GLU A 437 1.78 15.83 21.42
CA GLU A 437 0.37 15.41 21.49
C GLU A 437 -0.56 16.38 20.76
N LEU A 438 -0.09 17.61 20.54
CA LEU A 438 -0.92 18.56 19.82
C LEU A 438 -0.47 18.64 18.36
N LEU A 439 0.84 18.55 18.12
CA LEU A 439 1.34 18.63 16.77
C LEU A 439 0.82 17.50 15.89
N SER A 440 0.72 16.32 16.47
CA SER A 440 0.26 15.17 15.72
C SER A 440 -1.22 15.32 15.29
N LEU A 441 -1.92 16.30 15.85
CA LEU A 441 -3.31 16.54 15.52
C LEU A 441 -3.48 17.45 14.30
N ILE A 442 -2.41 18.13 13.90
CA ILE A 442 -2.51 19.04 12.77
C ILE A 442 -3.05 18.42 11.47
N GLN A 443 -2.50 17.29 11.05
CA GLN A 443 -2.97 16.67 9.83
C GLN A 443 -4.33 16.03 9.95
N ASP A 444 -4.76 15.74 11.18
CA ASP A 444 -6.08 15.18 11.40
C ASP A 444 -7.09 16.30 11.08
N PHE A 445 -6.81 17.51 11.58
CA PHE A 445 -7.66 18.65 11.33
C PHE A 445 -7.72 18.96 9.82
N ILE A 446 -6.56 18.94 9.16
CA ILE A 446 -6.47 19.20 7.74
C ILE A 446 -7.20 18.09 6.97
N GLY A 447 -7.03 16.86 7.46
CA GLY A 447 -7.67 15.72 6.84
C GLY A 447 -9.17 15.85 6.98
N SER A 448 -9.60 16.58 8.00
CA SER A 448 -11.03 16.82 8.27
C SER A 448 -11.54 17.99 7.47
N GLY A 449 -10.68 18.59 6.64
CA GLY A 449 -11.09 19.71 5.83
C GLY A 449 -10.93 21.07 6.51
N SER A 450 -10.48 21.07 7.75
CA SER A 450 -10.32 22.30 8.51
C SER A 450 -9.17 23.24 8.14
N GLY A 451 -9.38 24.49 8.53
CA GLY A 451 -8.42 25.55 8.28
C GLY A 451 -7.85 25.95 9.61
N LEU A 452 -6.55 25.76 9.75
CA LEU A 452 -5.89 26.10 11.00
C LEU A 452 -4.95 27.28 10.87
N ILE A 453 -4.97 28.14 11.88
CA ILE A 453 -4.11 29.30 11.94
C ILE A 453 -3.20 29.05 13.13
N ILE A 454 -1.92 28.85 12.84
CA ILE A 454 -0.93 28.52 13.86
C ILE A 454 -0.01 29.72 14.10
N PRO A 455 -0.19 30.38 15.26
CA PRO A 455 0.54 31.57 15.75
C PRO A 455 2.06 31.53 15.73
N ASN A 456 2.68 30.36 15.96
CA ASN A 456 4.15 30.28 15.87
C ASN A 456 4.64 28.92 15.44
N GLN A 457 5.87 28.88 14.92
CA GLN A 457 6.46 27.62 14.45
C GLN A 457 6.89 26.68 15.57
N TRP A 458 6.93 25.40 15.26
CA TRP A 458 7.36 24.39 16.22
C TRP A 458 8.87 24.19 16.00
N GLU A 459 9.56 23.60 16.98
CA GLU A 459 11.00 23.37 16.89
C GLU A 459 11.32 22.36 15.79
N ASP A 460 12.48 22.53 15.17
CA ASP A 460 12.91 21.65 14.09
C ASP A 460 12.98 20.15 14.48
N ASP A 461 13.28 19.87 15.74
CA ASP A 461 13.37 18.48 16.17
C ASP A 461 11.96 17.92 16.31
N LYS A 462 11.00 18.58 15.67
CA LYS A 462 9.61 18.15 15.72
C LYS A 462 8.97 18.08 14.34
N ASP A 463 9.69 18.56 13.32
CA ASP A 463 9.18 18.53 11.95
C ASP A 463 8.56 17.21 11.60
N SER A 464 9.30 16.14 11.88
CA SER A 464 8.87 14.80 11.57
C SER A 464 7.45 14.50 12.08
N VAL A 465 7.07 15.04 13.23
CA VAL A 465 5.75 14.80 13.78
C VAL A 465 4.58 15.35 12.94
N VAL A 466 4.83 16.42 12.21
CA VAL A 466 3.80 17.05 11.39
C VAL A 466 3.92 16.76 9.89
N GLY A 467 2.86 16.24 9.29
CA GLY A 467 2.87 15.99 7.86
C GLY A 467 2.95 17.35 7.18
N LYS A 468 3.55 17.42 6.00
CA LYS A 468 3.67 18.72 5.38
C LYS A 468 2.60 19.10 4.35
N GLN A 469 1.64 18.19 4.14
CA GLN A 469 0.58 18.43 3.17
C GLN A 469 -0.36 19.60 3.53
N ASN A 470 -0.49 20.54 2.61
CA ASN A 470 -1.34 21.70 2.79
C ASN A 470 -0.95 22.53 4.00
N VAL A 471 0.34 22.53 4.32
CA VAL A 471 0.83 23.34 5.44
C VAL A 471 1.66 24.42 4.80
N TYR A 472 1.30 25.68 5.06
CA TYR A 472 2.02 26.81 4.44
C TYR A 472 2.62 27.79 5.43
N LEU A 473 3.89 28.12 5.20
CA LEU A 473 4.65 29.05 6.04
C LEU A 473 4.53 30.52 5.56
N LEU A 474 4.12 31.40 6.47
CA LEU A 474 4.00 32.82 6.19
C LEU A 474 5.26 33.41 6.83
N ASP A 475 6.20 33.87 6.01
CA ASP A 475 7.45 34.37 6.55
C ASP A 475 8.20 35.29 5.57
N THR A 476 9.16 36.03 6.10
CA THR A 476 9.96 36.91 5.25
C THR A 476 10.98 36.06 4.50
N SER A 477 11.38 34.94 5.09
CA SER A 477 12.37 34.10 4.45
C SER A 477 11.99 33.65 3.05
N SER A 478 13.01 33.22 2.30
CA SER A 478 12.86 32.79 0.92
C SER A 478 12.14 31.46 0.82
N SER A 479 12.31 30.62 1.83
CA SER A 479 11.67 29.32 1.84
C SER A 479 10.21 29.38 2.32
N ALA A 480 9.63 30.58 2.40
CA ALA A 480 8.25 30.71 2.85
C ALA A 480 7.31 30.51 1.67
N ASP A 481 6.15 29.93 1.92
CA ASP A 481 5.17 29.70 0.86
C ASP A 481 4.47 31.01 0.56
N ILE A 482 4.24 31.79 1.60
CA ILE A 482 3.58 33.07 1.44
C ILE A 482 4.59 34.08 1.96
N GLN A 483 5.36 34.66 1.05
CA GLN A 483 6.41 35.57 1.46
C GLN A 483 6.00 36.98 1.87
N LEU A 484 6.39 37.37 3.07
CA LEU A 484 6.10 38.70 3.56
C LEU A 484 7.09 39.69 2.96
N GLU A 485 6.60 40.90 2.67
CA GLU A 485 7.40 41.95 2.10
C GLU A 485 8.42 42.34 3.18
N SER A 486 8.00 42.31 4.43
CA SER A 486 8.87 42.62 5.55
C SER A 486 8.28 42.07 6.84
N ALA A 487 9.12 41.96 7.86
CA ALA A 487 8.71 41.38 9.14
C ALA A 487 7.61 42.15 9.85
N ASP A 488 7.53 43.45 9.58
CA ASP A 488 6.53 44.30 10.21
C ASP A 488 5.40 44.75 9.27
N GLU A 489 5.25 44.08 8.13
CA GLU A 489 4.19 44.41 7.20
C GLU A 489 2.86 44.59 7.95
N PRO A 490 2.04 45.59 7.57
CA PRO A 490 0.75 45.82 8.24
C PRO A 490 -0.17 44.58 8.20
N ILE A 491 -0.82 44.27 9.31
CA ILE A 491 -1.70 43.11 9.38
C ILE A 491 -2.72 42.98 8.26
N SER A 492 -3.30 44.08 7.85
CA SER A 492 -4.31 44.03 6.80
C SER A 492 -3.67 43.60 5.48
N HIS A 493 -2.44 44.03 5.24
CA HIS A 493 -1.76 43.65 4.01
C HIS A 493 -1.44 42.16 4.06
N ILE A 494 -0.98 41.69 5.21
CA ILE A 494 -0.65 40.28 5.37
C ILE A 494 -1.89 39.41 5.10
N VAL A 495 -3.00 39.82 5.68
CA VAL A 495 -4.25 39.11 5.52
C VAL A 495 -4.59 38.98 4.04
N GLN A 496 -4.39 40.07 3.29
CA GLN A 496 -4.71 40.02 1.88
C GLN A 496 -3.80 39.02 1.19
N LYS A 497 -2.51 39.10 1.48
CA LYS A 497 -1.57 38.16 0.88
C LYS A 497 -1.99 36.71 1.10
N VAL A 498 -2.45 36.38 2.30
CA VAL A 498 -2.87 35.02 2.62
C VAL A 498 -4.14 34.64 1.86
N VAL A 499 -5.15 35.52 1.89
CA VAL A 499 -6.41 35.25 1.21
C VAL A 499 -6.17 35.01 -0.28
N LEU A 500 -5.41 35.90 -0.91
CA LEU A 500 -5.18 35.74 -2.32
C LEU A 500 -4.33 34.51 -2.65
N PHE A 501 -3.46 34.12 -1.72
CA PHE A 501 -2.65 32.93 -1.91
C PHE A 501 -3.58 31.70 -1.87
N LEU A 502 -4.44 31.65 -0.86
CA LEU A 502 -5.35 30.53 -0.76
C LEU A 502 -6.32 30.47 -1.94
N GLU A 503 -6.64 31.63 -2.50
CA GLU A 503 -7.56 31.67 -3.63
C GLU A 503 -6.84 31.14 -4.86
N ASP A 504 -5.62 31.62 -5.08
CA ASP A 504 -4.83 31.18 -6.22
C ASP A 504 -4.67 29.67 -6.19
N ASN A 505 -4.59 29.11 -4.98
CA ASN A 505 -4.40 27.68 -4.82
C ASN A 505 -5.69 26.89 -4.73
N GLY A 506 -6.82 27.57 -4.93
CA GLY A 506 -8.08 26.88 -4.96
C GLY A 506 -8.85 26.59 -3.70
N PHE A 507 -8.30 26.97 -2.55
CA PHE A 507 -8.97 26.72 -1.27
C PHE A 507 -10.22 27.57 -1.12
N PHE A 508 -10.22 28.76 -1.70
CA PHE A 508 -11.39 29.62 -1.62
C PHE A 508 -11.87 29.87 -3.04
N VAL A 509 -13.21 29.86 -3.21
CA VAL A 509 -13.78 30.16 -4.53
C VAL A 509 -14.91 31.17 -4.39
N PHE A 510 -14.81 32.26 -5.14
CA PHE A 510 -15.86 33.27 -5.08
C PHE A 510 -16.62 33.42 -6.41
#